data_2QQW
#
_entry.id   2QQW
#
_cell.length_a   105.877
_cell.length_b   105.877
_cell.length_c   50.479
_cell.angle_alpha   90.00
_cell.angle_beta   90.00
_cell.angle_gamma   120.00
#
_symmetry.space_group_name_H-M   'P 32'
#
loop_
_entity.id
_entity.type
_entity.pdbx_description
1 polymer Beta-fructofuranosidase
2 branched alpha-D-mannopyranose-(1-2)-alpha-D-mannopyranose-(1-6)-[alpha-D-mannopyranose-(1-3)]alpha-D-mannopyranose-(1-4)-2-acetamido-2-deoxy-beta-D-glucopyranose-(1-4)-2-acetamido-2-deoxy-beta-D-glucopyranose
3 branched 2-acetamido-2-deoxy-beta-D-glucopyranose-(1-4)-2-acetamido-2-deoxy-beta-D-glucopyranose
4 branched beta-D-fructofuranose-(2-1)-alpha-D-glucopyranose
5 non-polymer 2-acetamido-2-deoxy-beta-D-glucopyranose
6 non-polymer 'ZINC ION'
7 water water
#
_entity_poly.entity_id   1
_entity_poly.type   'polypeptide(L)'
_entity_poly.pdbx_seq_one_letter_code
;NQPYRTGFHFQPPKNWMNAPNGPMIYKGIYHLFYQWNPKGAVWGNIVWAHSTSTDLINWDPHPPAIFPSAPFDINGCWSG
SATILPNGKPVILYTGIDPKNQQVQNIAEPKNLSDPYLREWKKSPLNPLMAPDAVNGINASSFRDPTTAWLGQDKKWRVI
IGSKIHRRGLAITYTSKDFLKWEKSPEPLHYDDGSGMWECPDFFPVTRFGSNGVETSSFGEPNEILKHVLKISLDDTKHD
YYTIGTYDRVKDKFVPDNGFKMDGTAPRYDYGKYYASKTFFDSAKNRRILWGWTNESSSVEDDVEKGWSGIQTIPRKIWL
DRSGKQLIQWPVREVERLRTKQVKNLRNKVLKSGSRLEVYGVTAAQADVEVLFKVRDLEKADVIEPSWTDPQLICSKMNV
SVKSGLGPFGLMVLASKNLEEYTSVYFRIFKARQNSNKYVVLMCSDQSRSSLKEDNDKTTYGAFVDINPHQPLSLRALID
HSVVESFGGKGRACITSRVYPKLAIGKSSHLFAFNYGYQSVDVLNLNAWSMNSAQIS
;
_entity_poly.pdbx_strand_id   A
#
loop_
_chem_comp.id
_chem_comp.type
_chem_comp.name
_chem_comp.formula
FRU D-saccharide, beta linking beta-D-fructofuranose 'C6 H12 O6'
GLC D-saccharide, alpha linking alpha-D-glucopyranose 'C6 H12 O6'
MAN D-saccharide, alpha linking alpha-D-mannopyranose 'C6 H12 O6'
NAG D-saccharide, beta linking 2-acetamido-2-deoxy-beta-D-glucopyranose 'C8 H15 N O6'
ZN non-polymer 'ZINC ION' 'Zn 2'
#
# COMPACT_ATOMS: atom_id res chain seq x y z
N ASN A 1 -16.86 22.41 -8.04
CA ASN A 1 -16.86 21.04 -8.61
C ASN A 1 -15.56 20.29 -8.27
N GLN A 2 -15.64 18.97 -8.17
CA GLN A 2 -14.52 18.17 -7.67
C GLN A 2 -14.17 17.00 -8.60
N PRO A 3 -13.54 17.31 -9.75
CA PRO A 3 -13.24 16.30 -10.77
C PRO A 3 -12.17 15.28 -10.33
N TYR A 4 -11.44 15.60 -9.27
CA TYR A 4 -10.36 14.74 -8.79
C TYR A 4 -10.72 13.85 -7.59
N ARG A 5 -11.83 14.16 -6.93
CA ARG A 5 -12.37 13.31 -5.88
C ARG A 5 -12.75 11.95 -6.44
N THR A 6 -12.41 10.90 -5.69
CA THR A 6 -12.62 9.54 -6.13
C THR A 6 -14.05 9.10 -5.82
N GLY A 7 -14.59 8.22 -6.66
CA GLY A 7 -15.92 7.70 -6.45
C GLY A 7 -15.97 6.43 -5.62
N PHE A 8 -14.84 5.74 -5.45
CA PHE A 8 -14.83 4.48 -4.68
C PHE A 8 -13.56 4.19 -3.87
N HIS A 9 -12.72 5.20 -3.69
CA HIS A 9 -11.58 5.09 -2.75
C HIS A 9 -11.89 5.76 -1.42
N PHE A 10 -11.31 5.26 -0.34
CA PHE A 10 -11.50 5.91 0.93
C PHE A 10 -10.82 7.27 1.05
N GLN A 11 -11.62 8.28 1.35
CA GLN A 11 -11.13 9.61 1.73
C GLN A 11 -12.20 10.29 2.57
N PRO A 12 -11.77 11.12 3.55
CA PRO A 12 -12.72 11.92 4.33
C PRO A 12 -13.51 12.87 3.42
N PRO A 13 -14.71 13.28 3.85
CA PRO A 13 -15.51 14.28 3.11
C PRO A 13 -14.71 15.53 2.75
N LYS A 14 -13.68 15.85 3.52
CA LYS A 14 -12.81 17.01 3.26
C LYS A 14 -11.50 16.91 4.04
N ASN A 15 -10.54 17.78 3.73
CA ASN A 15 -9.33 17.99 4.56
C ASN A 15 -8.23 16.96 4.43
N TRP A 16 -7.19 17.12 5.25
CA TRP A 16 -5.97 16.35 5.14
C TRP A 16 -6.06 14.94 5.72
N MET A 17 -5.54 13.97 4.96
CA MET A 17 -5.37 12.62 5.49
C MET A 17 -3.97 12.04 5.18
N ASN A 18 -3.37 11.37 6.16
CA ASN A 18 -2.21 10.54 5.92
C ASN A 18 -2.41 9.12 6.44
N ALA A 19 -1.45 8.58 7.19
CA ALA A 19 -1.39 7.18 7.59
C ALA A 19 -2.72 6.58 8.04
N PRO A 20 -3.04 5.36 7.55
CA PRO A 20 -4.13 4.57 8.15
C PRO A 20 -3.76 4.13 9.57
N ASN A 21 -4.71 4.21 10.48
CA ASN A 21 -4.44 3.85 11.87
C ASN A 21 -5.32 2.70 12.38
N GLY A 22 -4.77 1.91 13.29
CA GLY A 22 -5.48 0.84 13.98
C GLY A 22 -6.55 0.05 13.22
N PRO A 23 -6.23 -0.42 12.00
CA PRO A 23 -7.31 -1.18 11.38
C PRO A 23 -7.48 -2.51 12.12
N MET A 24 -8.70 -3.05 12.09
CA MET A 24 -9.08 -4.25 12.86
C MET A 24 -10.46 -4.78 12.46
N ILE A 25 -10.82 -5.95 12.99
CA ILE A 25 -12.20 -6.43 12.94
C ILE A 25 -12.66 -6.76 14.36
N TYR A 26 -13.84 -6.26 14.73
CA TYR A 26 -14.44 -6.59 16.03
C TYR A 26 -15.94 -6.81 15.88
N LYS A 27 -16.42 -7.95 16.37
CA LYS A 27 -17.81 -8.35 16.24
C LYS A 27 -18.28 -8.26 14.78
N GLY A 28 -17.48 -8.84 13.88
CA GLY A 28 -17.76 -8.85 12.44
C GLY A 28 -17.89 -7.48 11.81
N ILE A 29 -17.22 -6.48 12.40
CA ILE A 29 -17.21 -5.10 11.90
C ILE A 29 -15.77 -4.56 11.67
N TYR A 30 -15.53 -4.09 10.45
CA TYR A 30 -14.24 -3.53 10.06
C TYR A 30 -14.09 -2.08 10.49
N HIS A 31 -12.97 -1.78 11.14
CA HIS A 31 -12.64 -0.41 11.53
C HIS A 31 -11.43 0.16 10.79
N LEU A 32 -11.53 1.43 10.43
CA LEU A 32 -10.37 2.20 10.01
C LEU A 32 -10.33 3.51 10.79
N PHE A 33 -9.20 3.75 11.43
CA PHE A 33 -8.90 5.05 11.95
C PHE A 33 -7.84 5.64 11.02
N TYR A 34 -7.64 6.96 11.09
CA TYR A 34 -6.68 7.60 10.24
C TYR A 34 -6.28 8.98 10.71
N GLN A 35 -5.00 9.29 10.47
CA GLN A 35 -4.46 10.60 10.72
C GLN A 35 -5.26 11.66 9.96
N TRP A 36 -5.96 12.51 10.69
CA TRP A 36 -6.78 13.57 10.06
C TRP A 36 -6.52 14.96 10.62
N ASN A 37 -6.61 15.95 9.73
CA ASN A 37 -6.60 17.37 10.12
C ASN A 37 -8.00 17.99 10.01
N PRO A 38 -8.68 18.12 11.16
CA PRO A 38 -10.03 18.70 11.18
C PRO A 38 -10.07 20.16 10.69
N LYS A 39 -8.96 20.88 10.81
CA LYS A 39 -8.92 22.31 10.43
C LYS A 39 -8.55 22.57 8.96
N GLY A 40 -7.39 22.09 8.52
CA GLY A 40 -6.95 22.36 7.15
C GLY A 40 -6.71 21.15 6.25
N ALA A 41 -6.09 21.41 5.10
CA ALA A 41 -5.77 20.39 4.09
C ALA A 41 -4.26 20.20 3.92
N VAL A 42 -3.51 20.60 4.94
CA VAL A 42 -2.10 20.23 5.07
C VAL A 42 -1.99 19.40 6.35
N TRP A 43 -0.83 18.81 6.61
CA TRP A 43 -0.63 18.12 7.89
C TRP A 43 -0.75 19.08 9.10
N GLY A 44 -1.48 18.67 10.12
CA GLY A 44 -1.61 19.46 11.34
C GLY A 44 -2.83 19.14 12.19
N ASN A 45 -2.74 19.42 13.49
CA ASN A 45 -3.81 19.14 14.48
C ASN A 45 -4.25 17.70 14.39
N ILE A 46 -3.29 16.80 14.40
CA ILE A 46 -3.55 15.44 13.94
C ILE A 46 -4.33 14.58 14.95
N VAL A 47 -5.53 14.18 14.53
CA VAL A 47 -6.41 13.27 15.30
C VAL A 47 -6.73 11.96 14.55
N TRP A 48 -7.21 10.97 15.29
CA TRP A 48 -7.65 9.70 14.69
C TRP A 48 -9.11 9.76 14.25
N ALA A 49 -9.38 10.12 13.00
CA ALA A 49 -10.74 10.03 12.51
C ALA A 49 -11.12 8.55 12.42
N HIS A 50 -12.41 8.25 12.29
CA HIS A 50 -12.90 6.91 12.51
C HIS A 50 -14.06 6.59 11.60
N SER A 51 -14.02 5.41 11.00
CA SER A 51 -15.06 4.92 10.10
C SER A 51 -15.20 3.42 10.29
N THR A 52 -16.37 2.90 9.92
CA THR A 52 -16.63 1.46 10.00
C THR A 52 -17.24 0.96 8.71
N SER A 53 -17.15 -0.36 8.51
CA SER A 53 -17.68 -1.01 7.31
C SER A 53 -17.99 -2.47 7.55
N THR A 54 -18.89 -3.02 6.75
CA THR A 54 -19.15 -4.45 6.78
C THR A 54 -18.47 -5.16 5.58
N ASP A 55 -17.89 -4.38 4.67
CA ASP A 55 -17.35 -4.92 3.43
C ASP A 55 -15.99 -4.33 2.97
N LEU A 56 -15.44 -3.38 3.74
CA LEU A 56 -14.16 -2.71 3.40
C LEU A 56 -14.24 -1.73 2.22
N ILE A 57 -15.41 -1.63 1.61
CA ILE A 57 -15.62 -0.71 0.48
C ILE A 57 -16.51 0.48 0.84
N ASN A 58 -17.59 0.22 1.57
CA ASN A 58 -18.49 1.30 2.02
C ASN A 58 -18.25 1.64 3.49
N TRP A 59 -18.13 2.93 3.79
CA TRP A 59 -17.68 3.39 5.12
C TRP A 59 -18.60 4.42 5.77
N ASP A 60 -18.95 4.19 7.03
CA ASP A 60 -19.79 5.12 7.79
C ASP A 60 -18.96 5.94 8.75
N PRO A 61 -19.20 7.27 8.80
CA PRO A 61 -18.41 8.13 9.67
C PRO A 61 -18.76 7.96 11.14
N HIS A 62 -17.86 8.41 11.99
CA HIS A 62 -18.03 8.43 13.43
C HIS A 62 -17.11 9.54 13.91
N PRO A 63 -17.43 10.16 15.07
CA PRO A 63 -16.57 11.21 15.62
C PRO A 63 -15.13 10.72 15.88
N PRO A 64 -14.12 11.61 15.78
CA PRO A 64 -12.73 11.23 16.09
C PRO A 64 -12.64 10.39 17.36
N ALA A 65 -11.85 9.33 17.35
CA ALA A 65 -11.74 8.45 18.53
C ALA A 65 -10.61 8.82 19.49
N ILE A 66 -9.48 9.27 18.94
CA ILE A 66 -8.29 9.58 19.74
C ILE A 66 -7.73 10.94 19.34
N PHE A 67 -7.82 11.89 20.26
CA PHE A 67 -7.39 13.27 20.04
C PHE A 67 -6.73 13.72 21.34
N PRO A 68 -5.85 14.75 21.29
CA PRO A 68 -5.17 15.32 22.48
C PRO A 68 -6.07 15.68 23.68
N SER A 69 -5.77 15.11 24.85
CA SER A 69 -6.59 15.28 26.06
C SER A 69 -5.83 15.16 27.38
N ALA A 70 -4.57 14.73 27.31
CA ALA A 70 -3.79 14.42 28.50
C ALA A 70 -2.31 14.74 28.30
N PRO A 71 -1.51 14.73 29.39
CA PRO A 71 -0.10 15.03 29.22
C PRO A 71 0.56 14.18 28.15
N PHE A 72 0.20 12.91 28.08
CA PHE A 72 0.85 11.96 27.16
C PHE A 72 0.50 12.08 25.66
N ASP A 73 -0.47 12.92 25.30
CA ASP A 73 -0.77 13.16 23.88
C ASP A 73 -1.26 14.58 23.54
N ILE A 74 -0.99 15.52 24.44
CA ILE A 74 -1.47 16.91 24.31
C ILE A 74 -1.06 17.59 23.00
N ASN A 75 0.10 17.24 22.48
CA ASN A 75 0.62 17.86 21.27
C ASN A 75 0.36 17.07 19.98
N GLY A 76 -0.34 15.95 20.10
CA GLY A 76 -0.73 15.18 18.91
C GLY A 76 -0.94 13.71 19.15
N CYS A 77 -1.70 13.10 18.23
CA CYS A 77 -2.01 11.68 18.29
C CYS A 77 -1.61 10.98 16.99
N TRP A 78 -0.35 10.54 16.96
CA TRP A 78 0.26 9.97 15.76
C TRP A 78 -0.12 8.50 15.55
N SER A 79 0.58 7.82 14.64
CA SER A 79 0.19 6.46 14.24
C SER A 79 0.21 5.44 15.36
N GLY A 80 -0.40 4.30 15.08
CA GLY A 80 -0.55 3.22 16.04
C GLY A 80 -1.37 2.09 15.47
N SER A 81 -1.56 1.04 16.26
CA SER A 81 -2.17 -0.17 15.77
C SER A 81 -3.12 -0.75 16.80
N ALA A 82 -4.07 -1.55 16.35
CA ALA A 82 -4.94 -2.26 17.26
C ALA A 82 -4.49 -3.71 17.39
N THR A 83 -4.49 -4.21 18.61
CA THR A 83 -4.23 -5.62 18.89
C THR A 83 -5.50 -6.19 19.45
N ILE A 84 -5.85 -7.41 19.06
CA ILE A 84 -7.00 -8.09 19.65
C ILE A 84 -6.56 -9.08 20.74
N LEU A 85 -6.81 -8.73 22.00
CA LEU A 85 -6.45 -9.58 23.14
C LEU A 85 -7.19 -10.92 23.09
N PRO A 86 -6.58 -12.01 23.61
CA PRO A 86 -7.11 -13.35 23.31
C PRO A 86 -8.55 -13.57 23.77
N ASN A 87 -9.05 -12.67 24.63
CA ASN A 87 -10.46 -12.69 25.06
C ASN A 87 -11.38 -11.90 24.12
N GLY A 88 -10.87 -11.53 22.95
CA GLY A 88 -11.66 -10.81 21.96
C GLY A 88 -11.59 -9.29 22.07
N LYS A 89 -11.16 -8.81 23.24
CA LYS A 89 -11.06 -7.36 23.53
C LYS A 89 -9.97 -6.67 22.71
N PRO A 90 -10.34 -5.59 21.98
CA PRO A 90 -9.42 -4.82 21.15
C PRO A 90 -8.76 -3.68 21.90
N VAL A 91 -7.45 -3.53 21.74
CA VAL A 91 -6.75 -2.35 22.29
C VAL A 91 -5.85 -1.64 21.27
N ILE A 92 -5.67 -0.34 21.44
CA ILE A 92 -4.84 0.44 20.55
C ILE A 92 -3.58 0.97 21.24
N LEU A 93 -2.43 0.65 20.66
CA LEU A 93 -1.17 1.30 21.02
C LEU A 93 -0.89 2.39 20.00
N TYR A 94 -0.61 3.60 20.51
CA TYR A 94 -0.36 4.75 19.65
C TYR A 94 0.68 5.68 20.26
N THR A 95 1.30 6.48 19.40
CA THR A 95 2.34 7.43 19.80
C THR A 95 1.66 8.75 20.14
N GLY A 96 2.01 9.31 21.29
CA GLY A 96 1.54 10.64 21.63
C GLY A 96 2.71 11.60 21.71
N ILE A 97 2.43 12.89 21.51
CA ILE A 97 3.44 13.91 21.72
C ILE A 97 3.21 14.59 23.07
N ASP A 98 4.10 14.36 24.02
CA ASP A 98 3.98 14.92 25.36
C ASP A 98 4.33 16.43 25.38
N PRO A 99 4.13 17.12 26.52
CA PRO A 99 4.34 18.57 26.56
C PRO A 99 5.78 19.01 26.26
N LYS A 100 6.75 18.11 26.41
CA LYS A 100 8.15 18.38 26.04
C LYS A 100 8.49 17.91 24.61
N ASN A 101 7.46 17.73 23.77
CA ASN A 101 7.60 17.29 22.37
C ASN A 101 8.36 15.97 22.18
N GLN A 102 8.04 15.01 23.04
CA GLN A 102 8.66 13.69 23.03
C GLN A 102 7.67 12.66 22.52
N GLN A 103 8.18 11.73 21.73
CA GLN A 103 7.32 10.70 21.14
C GLN A 103 7.18 9.51 22.08
N VAL A 104 6.03 9.43 22.73
CA VAL A 104 5.77 8.40 23.74
C VAL A 104 4.68 7.45 23.29
N GLN A 105 4.66 6.27 23.90
CA GLN A 105 3.71 5.22 23.51
C GLN A 105 2.57 5.12 24.51
N ASN A 106 1.35 5.20 23.99
CA ASN A 106 0.15 5.24 24.80
C ASN A 106 -0.85 4.14 24.44
N ILE A 107 -1.60 3.67 25.43
CA ILE A 107 -2.65 2.68 25.21
C ILE A 107 -4.05 3.32 25.27
N ALA A 108 -4.96 2.82 24.45
CA ALA A 108 -6.39 3.17 24.52
C ALA A 108 -7.27 1.90 24.57
N GLU A 109 -8.29 1.95 25.42
CA GLU A 109 -9.27 0.88 25.52
C GLU A 109 -10.61 1.45 25.08
N PRO A 110 -11.51 0.59 24.53
CA PRO A 110 -12.84 1.09 24.23
C PRO A 110 -13.61 1.31 25.54
N LYS A 111 -14.47 2.32 25.56
CA LYS A 111 -15.24 2.68 26.75
C LYS A 111 -16.41 1.72 27.00
N ASN A 112 -17.01 1.25 25.91
CA ASN A 112 -18.17 0.38 25.96
C ASN A 112 -18.00 -0.81 24.99
N LEU A 113 -17.45 -1.91 25.52
CA LEU A 113 -17.16 -3.09 24.70
C LEU A 113 -18.39 -3.73 24.04
N SER A 114 -19.56 -3.16 24.33
CA SER A 114 -20.83 -3.58 23.73
C SER A 114 -21.20 -2.72 22.54
N ASP A 115 -20.58 -1.55 22.43
CA ASP A 115 -20.71 -0.74 21.23
C ASP A 115 -19.99 -1.46 20.10
N PRO A 116 -20.73 -1.84 19.04
CA PRO A 116 -20.07 -2.57 17.97
C PRO A 116 -19.36 -1.63 16.99
N TYR A 117 -19.72 -0.33 17.05
CA TYR A 117 -19.06 0.69 16.26
C TYR A 117 -17.89 1.34 17.02
N LEU A 118 -17.59 0.82 18.22
CA LEU A 118 -16.50 1.32 19.10
C LEU A 118 -16.27 2.83 19.04
N ARG A 119 -17.33 3.58 19.30
CA ARG A 119 -17.38 5.04 19.18
C ARG A 119 -16.41 5.81 20.10
N GLU A 120 -16.29 5.38 21.36
CA GLU A 120 -15.53 6.12 22.37
C GLU A 120 -14.45 5.31 23.07
N TRP A 121 -13.29 5.93 23.26
CA TRP A 121 -12.12 5.24 23.75
C TRP A 121 -11.60 5.91 25.01
N LYS A 122 -11.09 5.10 25.93
CA LYS A 122 -10.55 5.61 27.18
C LYS A 122 -9.04 5.35 27.32
N LYS A 123 -8.30 6.39 27.71
CA LYS A 123 -6.85 6.30 27.80
C LYS A 123 -6.43 6.16 29.25
N SER A 124 -5.61 5.15 29.53
CA SER A 124 -5.12 4.92 30.88
C SER A 124 -4.36 6.13 31.43
N PRO A 125 -4.56 6.44 32.73
CA PRO A 125 -3.78 7.50 33.36
C PRO A 125 -2.31 7.11 33.50
N LEU A 126 -2.02 5.81 33.40
CA LEU A 126 -0.64 5.31 33.49
C LEU A 126 0.22 5.57 32.25
N ASN A 127 -0.40 6.06 31.17
CA ASN A 127 0.31 6.47 29.96
C ASN A 127 1.23 7.66 30.22
N PRO A 128 2.40 7.73 29.56
CA PRO A 128 2.92 6.74 28.62
C PRO A 128 3.28 5.42 29.26
N LEU A 129 2.96 4.33 28.58
CA LEU A 129 3.43 3.00 28.92
C LEU A 129 4.88 2.84 28.45
N MET A 130 5.27 3.61 27.45
CA MET A 130 6.61 3.53 26.87
C MET A 130 7.12 4.89 26.40
N ALA A 131 8.26 5.31 26.94
CA ALA A 131 8.80 6.64 26.66
C ALA A 131 10.32 6.65 26.58
N PRO A 132 10.90 7.52 25.74
CA PRO A 132 12.34 7.69 25.79
C PRO A 132 12.75 8.30 27.12
N ASP A 133 13.92 7.91 27.61
CA ASP A 133 14.50 8.54 28.79
C ASP A 133 16.03 8.53 28.75
N ALA A 134 16.65 8.91 29.88
CA ALA A 134 18.11 8.96 30.00
C ALA A 134 18.73 7.58 30.24
N VAL A 135 17.97 6.68 30.86
CA VAL A 135 18.37 5.28 31.00
C VAL A 135 18.44 4.61 29.61
N ASN A 136 17.31 4.56 28.89
CA ASN A 136 17.27 3.89 27.58
C ASN A 136 17.99 4.64 26.46
N GLY A 137 18.10 5.96 26.61
CA GLY A 137 18.82 6.81 25.64
C GLY A 137 18.24 6.82 24.24
N ILE A 138 16.95 6.52 24.13
CA ILE A 138 16.20 6.56 22.88
C ILE A 138 16.00 8.01 22.43
N ASN A 139 16.18 8.28 21.14
CA ASN A 139 15.93 9.62 20.58
C ASN A 139 14.45 9.96 20.69
N ALA A 140 14.16 11.03 21.41
CA ALA A 140 12.79 11.42 21.69
C ALA A 140 12.02 11.90 20.47
N SER A 141 12.74 12.30 19.43
CA SER A 141 12.10 12.73 18.20
C SER A 141 12.01 11.61 17.18
N SER A 142 12.30 10.39 17.61
CA SER A 142 12.41 9.25 16.72
C SER A 142 12.04 7.96 17.43
N PHE A 143 10.81 7.91 17.92
CA PHE A 143 10.33 6.77 18.70
C PHE A 143 8.83 6.68 18.49
N ARG A 144 8.42 6.14 17.35
CA ARG A 144 7.01 6.16 16.97
C ARG A 144 6.45 4.94 16.24
N ASP A 145 5.12 4.87 16.19
CA ASP A 145 4.34 3.89 15.44
C ASP A 145 4.48 2.46 15.95
N PRO A 146 3.89 2.18 17.13
CA PRO A 146 3.88 0.81 17.64
C PRO A 146 3.08 -0.10 16.70
N THR A 147 3.45 -1.38 16.65
CA THR A 147 2.76 -2.33 15.81
C THR A 147 1.59 -2.98 16.55
N THR A 148 0.90 -3.87 15.86
CA THR A 148 0.03 -4.82 16.53
C THR A 148 0.98 -5.71 17.34
N ALA A 149 0.55 -6.17 18.50
CA ALA A 149 1.40 -6.97 19.36
C ALA A 149 1.16 -8.48 19.19
N TRP A 150 2.20 -9.28 19.42
CA TRP A 150 2.09 -10.73 19.31
C TRP A 150 2.51 -11.45 20.58
N LEU A 151 1.70 -12.41 21.02
CA LEU A 151 1.96 -13.16 22.23
C LEU A 151 2.94 -14.30 21.97
N GLY A 152 4.02 -14.36 22.74
CA GLY A 152 5.03 -15.40 22.57
C GLY A 152 4.80 -16.73 23.31
N GLN A 153 5.67 -17.71 23.04
CA GLN A 153 5.62 -19.03 23.69
C GLN A 153 5.69 -18.92 25.21
N ASP A 154 6.49 -17.96 25.70
CA ASP A 154 6.66 -17.76 27.15
C ASP A 154 5.52 -16.96 27.79
N LYS A 155 4.37 -16.91 27.11
CA LYS A 155 3.21 -16.10 27.53
C LYS A 155 3.56 -14.64 27.81
N LYS A 156 4.37 -14.06 26.93
CA LYS A 156 4.89 -12.70 27.09
C LYS A 156 4.73 -11.90 25.79
N TRP A 157 4.15 -10.71 25.90
CA TRP A 157 3.82 -9.88 24.75
C TRP A 157 5.04 -9.22 24.15
N ARG A 158 5.07 -9.22 22.82
CA ARG A 158 6.06 -8.45 22.06
C ARG A 158 5.40 -7.37 21.20
N VAL A 159 6.10 -6.25 21.06
CA VAL A 159 5.69 -5.16 20.18
C VAL A 159 6.97 -4.46 19.76
N ILE A 160 6.97 -3.91 18.56
CA ILE A 160 8.13 -3.16 18.07
C ILE A 160 7.74 -1.73 17.76
N ILE A 161 8.72 -0.83 17.81
CA ILE A 161 8.48 0.57 17.59
C ILE A 161 9.55 1.12 16.65
N GLY A 162 9.12 1.90 15.66
CA GLY A 162 10.06 2.45 14.68
C GLY A 162 10.96 3.52 15.27
N SER A 163 12.27 3.41 15.00
CA SER A 163 13.25 4.34 15.57
C SER A 163 14.52 4.51 14.73
N LYS A 164 15.49 5.24 15.28
CA LYS A 164 16.83 5.37 14.73
C LYS A 164 17.84 5.90 15.76
N ILE A 165 19.05 5.35 15.75
CA ILE A 165 20.12 5.92 16.57
C ILE A 165 20.77 7.13 15.86
N HIS A 166 21.42 6.90 14.71
CA HIS A 166 21.97 8.01 13.93
C HIS A 166 21.47 7.94 12.50
N ARG A 167 22.17 7.21 11.65
CA ARG A 167 21.65 6.87 10.33
C ARG A 167 21.11 5.44 10.39
N ARG A 168 21.19 4.84 11.58
CA ARG A 168 20.82 3.46 11.84
C ARG A 168 19.35 3.36 12.23
N GLY A 169 18.53 2.82 11.33
CA GLY A 169 17.13 2.59 11.64
C GLY A 169 17.01 1.25 12.33
N LEU A 170 16.13 1.18 13.32
CA LEU A 170 15.95 -0.06 14.07
C LEU A 170 14.52 -0.20 14.58
N ALA A 171 14.15 -1.44 14.93
CA ALA A 171 12.83 -1.71 15.47
C ALA A 171 13.00 -2.11 16.93
N ILE A 172 12.75 -1.16 17.83
CA ILE A 172 12.93 -1.41 19.25
C ILE A 172 11.82 -2.32 19.76
N THR A 173 12.21 -3.46 20.34
CA THR A 173 11.25 -4.43 20.83
C THR A 173 10.98 -4.23 22.31
N TYR A 174 9.70 -4.32 22.68
CA TYR A 174 9.31 -4.26 24.07
C TYR A 174 8.52 -5.52 24.42
N THR A 175 8.74 -6.01 25.63
CA THR A 175 8.09 -7.24 26.09
C THR A 175 7.23 -6.92 27.31
N SER A 176 6.11 -7.62 27.45
CA SER A 176 5.23 -7.40 28.60
C SER A 176 4.58 -8.70 29.02
N LYS A 177 4.30 -8.84 30.32
CA LYS A 177 3.64 -10.04 30.83
C LYS A 177 2.15 -9.83 30.94
N ASP A 178 1.73 -8.57 30.96
CA ASP A 178 0.36 -8.21 31.29
C ASP A 178 -0.23 -7.13 30.40
N PHE A 179 0.58 -6.59 29.49
CA PHE A 179 0.16 -5.55 28.54
C PHE A 179 -0.08 -4.20 29.25
N LEU A 180 0.58 -3.99 30.38
CA LEU A 180 0.54 -2.70 31.07
C LEU A 180 1.93 -2.23 31.50
N LYS A 181 2.81 -3.18 31.79
CA LYS A 181 4.19 -2.90 32.17
C LYS A 181 5.08 -3.42 31.06
N TRP A 182 5.61 -2.51 30.23
CA TRP A 182 6.47 -2.90 29.10
C TRP A 182 7.92 -2.59 29.40
N GLU A 183 8.79 -3.57 29.16
CA GLU A 183 10.21 -3.36 29.35
C GLU A 183 10.97 -3.56 28.04
N LYS A 184 11.83 -2.59 27.73
CA LYS A 184 12.60 -2.58 26.50
C LYS A 184 13.58 -3.73 26.43
N SER A 185 13.49 -4.55 25.38
CA SER A 185 14.50 -5.57 25.14
C SER A 185 15.85 -4.92 24.86
N PRO A 186 16.96 -5.53 25.35
CA PRO A 186 18.26 -4.92 25.09
C PRO A 186 18.56 -4.84 23.60
N GLU A 187 17.96 -5.76 22.85
CA GLU A 187 18.23 -5.94 21.44
C GLU A 187 17.06 -5.51 20.56
N PRO A 188 17.35 -4.81 19.46
CA PRO A 188 16.40 -4.58 18.38
C PRO A 188 16.02 -5.88 17.69
N LEU A 189 14.79 -5.96 17.20
CA LEU A 189 14.35 -7.14 16.44
C LEU A 189 15.16 -7.20 15.15
N HIS A 190 15.45 -6.02 14.60
CA HIS A 190 16.28 -5.87 13.41
C HIS A 190 16.74 -4.42 13.31
N TYR A 191 17.80 -4.20 12.53
CA TYR A 191 18.31 -2.86 12.25
C TYR A 191 19.02 -2.88 10.90
N ASP A 192 19.04 -1.73 10.24
CA ASP A 192 19.79 -1.55 9.01
C ASP A 192 20.55 -0.23 9.07
N ASP A 193 21.86 -0.31 8.83
CA ASP A 193 22.73 0.86 8.84
C ASP A 193 22.52 1.76 7.61
N GLY A 194 22.47 3.06 7.84
CA GLY A 194 22.37 4.04 6.74
C GLY A 194 21.01 4.15 6.07
N SER A 195 19.99 3.55 6.69
CA SER A 195 18.62 3.62 6.18
C SER A 195 17.92 4.89 6.65
N GLY A 196 18.15 5.29 7.90
CA GLY A 196 17.45 6.43 8.47
C GLY A 196 16.25 5.95 9.26
N MET A 197 15.34 6.86 9.55
CA MET A 197 14.19 6.56 10.41
C MET A 197 13.29 5.46 9.85
N TRP A 198 12.96 4.49 10.70
CA TRP A 198 11.97 3.44 10.41
C TRP A 198 10.58 3.87 10.91
N GLU A 199 9.70 4.22 9.99
CA GLU A 199 8.32 4.59 10.34
C GLU A 199 7.39 3.41 10.07
N CYS A 200 6.23 3.45 10.70
CA CYS A 200 5.17 2.44 10.50
C CYS A 200 5.69 1.03 10.34
N PRO A 201 6.42 0.52 11.34
CA PRO A 201 6.82 -0.88 11.24
C PRO A 201 5.59 -1.77 11.32
N ASP A 202 5.67 -2.93 10.64
CA ASP A 202 4.63 -3.96 10.67
C ASP A 202 5.33 -5.32 10.76
N PHE A 203 4.76 -6.26 11.49
CA PHE A 203 5.42 -7.56 11.66
C PHE A 203 4.37 -8.63 11.87
N PHE A 204 4.30 -9.55 10.92
CA PHE A 204 3.24 -10.54 10.85
C PHE A 204 3.71 -11.85 10.19
N PRO A 205 3.20 -13.00 10.67
CA PRO A 205 3.47 -14.26 10.03
C PRO A 205 2.67 -14.41 8.75
N VAL A 206 3.16 -15.27 7.87
CA VAL A 206 2.53 -15.52 6.59
C VAL A 206 2.75 -17.00 6.23
N THR A 207 1.76 -17.62 5.60
CA THR A 207 1.84 -19.05 5.30
C THR A 207 2.72 -19.32 4.08
N ARG A 208 3.47 -20.42 4.12
CA ARG A 208 4.45 -20.74 3.07
C ARG A 208 3.78 -21.19 1.77
N PHE A 209 2.65 -21.90 1.89
CA PHE A 209 1.88 -22.34 0.73
C PHE A 209 0.40 -22.15 1.01
N GLY A 210 -0.19 -21.17 0.34
CA GLY A 210 -1.60 -20.86 0.54
C GLY A 210 -1.84 -19.36 0.42
N SER A 211 -3.09 -19.00 0.15
CA SER A 211 -3.46 -17.60 -0.02
C SER A 211 -4.04 -17.00 1.28
N ASN A 212 -4.33 -17.87 2.24
CA ASN A 212 -4.98 -17.45 3.47
C ASN A 212 -4.03 -16.81 4.46
N GLY A 213 -4.56 -15.82 5.19
CA GLY A 213 -3.79 -15.08 6.16
C GLY A 213 -3.56 -15.89 7.42
N VAL A 214 -2.60 -15.45 8.23
CA VAL A 214 -2.26 -16.13 9.47
C VAL A 214 -2.46 -15.22 10.66
N GLU A 215 -3.15 -15.72 11.69
CA GLU A 215 -3.29 -15.04 12.96
C GLU A 215 -1.90 -14.57 13.40
N THR A 216 -1.79 -13.31 13.81
CA THR A 216 -0.48 -12.68 14.09
C THR A 216 0.40 -13.41 15.13
N SER A 217 -0.21 -14.14 16.05
CA SER A 217 0.54 -14.81 17.11
C SER A 217 0.82 -16.28 16.82
N SER A 218 0.12 -16.86 15.84
CA SER A 218 0.25 -18.30 15.47
C SER A 218 1.67 -18.83 15.45
N PHE A 219 1.82 -20.07 15.92
CA PHE A 219 3.13 -20.71 16.00
C PHE A 219 3.43 -21.64 14.83
N GLY A 220 4.71 -21.70 14.49
CA GLY A 220 5.21 -22.50 13.36
C GLY A 220 5.24 -23.99 13.68
N GLU A 221 4.10 -24.64 13.44
CA GLU A 221 3.98 -26.10 13.58
C GLU A 221 5.08 -26.83 12.79
N PRO A 222 5.64 -27.93 13.38
CA PRO A 222 6.45 -28.85 12.58
C PRO A 222 5.71 -29.44 11.34
N ASN A 223 4.38 -29.23 11.28
CA ASN A 223 3.53 -29.69 10.17
C ASN A 223 2.80 -28.58 9.40
N GLU A 224 3.08 -27.33 9.72
CA GLU A 224 2.51 -26.15 9.03
C GLU A 224 3.58 -25.05 9.05
N ILE A 225 4.17 -24.74 7.89
CA ILE A 225 5.40 -23.94 7.82
C ILE A 225 5.13 -22.46 7.63
N LEU A 226 5.77 -21.63 8.46
CA LEU A 226 5.54 -20.19 8.48
C LEU A 226 6.78 -19.39 8.14
N LYS A 227 6.58 -18.23 7.52
CA LYS A 227 7.64 -17.24 7.35
C LYS A 227 7.18 -15.93 7.97
N HIS A 228 8.13 -15.09 8.36
CA HIS A 228 7.78 -13.78 8.91
C HIS A 228 8.17 -12.59 8.02
N VAL A 229 7.32 -11.57 8.03
CA VAL A 229 7.53 -10.39 7.21
C VAL A 229 7.76 -9.18 8.12
N LEU A 230 8.82 -8.42 7.85
CA LEU A 230 9.02 -7.14 8.52
C LEU A 230 8.89 -6.02 7.51
N LYS A 231 7.96 -5.11 7.76
CA LYS A 231 7.71 -3.98 6.87
C LYS A 231 8.09 -2.65 7.52
N ILE A 232 8.75 -1.80 6.76
CA ILE A 232 9.19 -0.51 7.28
C ILE A 232 8.86 0.61 6.29
N SER A 233 8.61 1.80 6.82
CA SER A 233 8.49 2.96 5.97
C SER A 233 9.73 3.80 6.17
N LEU A 234 10.52 3.96 5.11
CA LEU A 234 11.74 4.75 5.22
C LEU A 234 11.50 6.24 5.03
N ASP A 235 11.57 6.97 6.13
CA ASP A 235 11.31 8.41 6.14
C ASP A 235 12.10 9.17 5.08
N ASP A 236 13.33 8.73 4.80
CA ASP A 236 14.18 9.39 3.81
C ASP A 236 13.72 9.19 2.36
N THR A 237 13.52 7.94 1.95
CA THR A 237 13.16 7.60 0.57
C THR A 237 11.67 7.76 0.29
N LYS A 238 10.89 7.82 1.37
CA LYS A 238 9.42 7.86 1.31
C LYS A 238 8.80 6.64 0.63
N HIS A 239 9.31 5.45 0.95
CA HIS A 239 8.76 4.19 0.44
C HIS A 239 8.59 3.14 1.52
N ASP A 240 7.71 2.19 1.23
CA ASP A 240 7.52 1.03 2.10
C ASP A 240 8.23 -0.17 1.52
N TYR A 241 9.00 -0.86 2.36
CA TYR A 241 9.76 -2.03 1.97
C TYR A 241 9.40 -3.17 2.91
N TYR A 242 9.48 -4.39 2.42
CA TYR A 242 9.34 -5.55 3.30
C TYR A 242 10.47 -6.53 3.04
N THR A 243 10.68 -7.46 3.98
CA THR A 243 11.64 -8.54 3.79
C THR A 243 11.11 -9.82 4.42
N ILE A 244 11.20 -10.92 3.67
CA ILE A 244 10.75 -12.24 4.13
C ILE A 244 11.86 -12.96 4.88
N GLY A 245 11.52 -13.59 6.00
CA GLY A 245 12.51 -14.21 6.88
C GLY A 245 11.96 -15.04 8.03
N THR A 246 12.88 -15.57 8.83
CA THR A 246 12.51 -16.40 9.96
C THR A 246 12.55 -15.56 11.22
N TYR A 247 11.65 -15.88 12.13
CA TYR A 247 11.59 -15.22 13.41
C TYR A 247 12.13 -16.22 14.43
N ASP A 248 13.29 -15.90 15.00
CA ASP A 248 13.91 -16.67 16.05
C ASP A 248 13.31 -16.23 17.39
N ARG A 249 12.51 -17.12 17.96
CA ARG A 249 11.82 -16.86 19.24
C ARG A 249 12.79 -16.79 20.43
N VAL A 250 13.86 -17.59 20.38
CA VAL A 250 14.85 -17.63 21.45
C VAL A 250 15.52 -16.26 21.58
N LYS A 251 16.32 -15.89 20.58
CA LYS A 251 16.96 -14.57 20.55
C LYS A 251 15.94 -13.42 20.59
N ASP A 252 14.73 -13.66 20.07
CA ASP A 252 13.76 -12.60 19.81
C ASP A 252 14.28 -11.70 18.68
N LYS A 253 14.82 -12.32 17.63
CA LYS A 253 15.39 -11.56 16.51
C LYS A 253 14.82 -11.96 15.16
N PHE A 254 14.64 -10.97 14.29
CA PHE A 254 14.24 -11.24 12.93
C PHE A 254 15.48 -11.38 12.04
N VAL A 255 15.55 -12.52 11.36
CA VAL A 255 16.63 -12.80 10.43
C VAL A 255 16.07 -12.94 9.01
N PRO A 256 16.37 -11.95 8.14
CA PRO A 256 15.90 -12.00 6.76
C PRO A 256 16.65 -13.09 6.02
N ASP A 257 15.95 -13.96 5.32
CA ASP A 257 16.66 -14.96 4.53
C ASP A 257 17.29 -14.25 3.34
N ASN A 258 18.58 -13.98 3.45
CA ASN A 258 19.25 -13.19 2.44
C ASN A 258 19.39 -13.92 1.09
N GLY A 259 19.42 -13.18 -0.01
CA GLY A 259 19.31 -11.72 0.02
C GLY A 259 18.08 -11.19 -0.69
N PHE A 260 17.37 -10.23 -0.09
CA PHE A 260 17.51 -9.78 1.31
C PHE A 260 18.91 -9.84 1.92
N GLY A 264 20.55 -4.86 -0.40
CA GLY A 264 19.13 -4.49 -0.43
C GLY A 264 18.96 -3.23 -1.27
N THR A 265 18.38 -3.32 -2.47
CA THR A 265 17.80 -4.52 -3.12
C THR A 265 16.57 -5.16 -2.40
N ALA A 266 15.80 -4.32 -1.70
CA ALA A 266 14.57 -4.76 -1.01
C ALA A 266 13.27 -4.47 -1.78
N PRO A 267 12.34 -5.45 -1.84
CA PRO A 267 11.03 -5.32 -2.46
C PRO A 267 10.14 -4.27 -1.81
N ARG A 268 9.29 -3.63 -2.59
CA ARG A 268 8.25 -2.76 -2.06
C ARG A 268 6.92 -3.47 -2.27
N TYR A 269 5.93 -3.17 -1.43
CA TYR A 269 4.56 -3.58 -1.74
C TYR A 269 4.19 -2.96 -3.06
N ASP A 270 4.50 -1.68 -3.21
CA ASP A 270 4.01 -0.84 -4.32
C ASP A 270 5.13 0.04 -4.89
N TYR A 271 5.29 0.03 -6.21
CA TYR A 271 6.43 0.73 -6.82
C TYR A 271 6.12 2.14 -7.32
N GLY A 272 5.01 2.71 -6.84
CA GLY A 272 4.59 4.07 -7.16
C GLY A 272 4.33 4.84 -5.88
N LYS A 273 3.33 5.71 -5.91
CA LYS A 273 3.02 6.56 -4.75
C LYS A 273 2.24 5.80 -3.70
N TYR A 274 2.93 5.36 -2.64
CA TYR A 274 2.36 4.45 -1.65
C TYR A 274 3.21 4.53 -0.39
N TYR A 275 2.58 4.80 0.75
CA TYR A 275 3.33 5.00 2.00
C TYR A 275 2.53 4.76 3.26
N ALA A 276 3.25 4.58 4.38
CA ALA A 276 2.69 4.37 5.72
C ALA A 276 1.69 3.22 5.81
N SER A 277 1.95 2.14 5.09
CA SER A 277 1.00 1.04 5.00
C SER A 277 0.99 0.17 6.24
N LYS A 278 -0.13 -0.51 6.47
CA LYS A 278 -0.33 -1.31 7.68
C LYS A 278 -1.32 -2.42 7.39
N THR A 279 -1.06 -3.58 8.00
CA THR A 279 -1.91 -4.74 7.81
C THR A 279 -2.75 -4.99 9.05
N PHE A 280 -3.78 -5.80 8.91
CA PHE A 280 -4.47 -6.40 10.06
C PHE A 280 -4.97 -7.79 9.68
N PHE A 281 -5.30 -8.59 10.67
CA PHE A 281 -5.82 -9.92 10.41
C PHE A 281 -7.34 -9.90 10.31
N ASP A 282 -7.84 -10.30 9.15
CA ASP A 282 -9.28 -10.41 8.97
C ASP A 282 -9.70 -11.82 9.40
N SER A 283 -10.10 -11.94 10.67
CA SER A 283 -10.44 -13.23 11.26
C SER A 283 -11.75 -13.81 10.70
N ALA A 284 -12.63 -12.93 10.22
CA ALA A 284 -13.87 -13.34 9.56
C ALA A 284 -13.62 -14.21 8.34
N LYS A 285 -12.67 -13.84 7.49
CA LYS A 285 -12.40 -14.57 6.24
C LYS A 285 -10.97 -15.13 6.08
N ASN A 286 -10.18 -15.14 7.16
CA ASN A 286 -8.81 -15.69 7.13
C ASN A 286 -7.95 -15.15 5.99
N ARG A 287 -7.88 -13.83 5.90
CA ARG A 287 -6.99 -13.17 4.95
C ARG A 287 -6.30 -12.06 5.72
N ARG A 288 -5.06 -11.72 5.32
CA ARG A 288 -4.43 -10.53 5.82
C ARG A 288 -4.69 -9.39 4.85
N ILE A 289 -5.21 -8.26 5.36
CA ILE A 289 -5.47 -7.09 4.54
C ILE A 289 -4.46 -5.98 4.77
N LEU A 290 -4.00 -5.40 3.67
CA LEU A 290 -3.05 -4.29 3.68
C LEU A 290 -3.75 -2.98 3.28
N TRP A 291 -3.58 -1.96 4.14
CA TRP A 291 -4.03 -0.58 3.90
C TRP A 291 -2.83 0.26 3.54
N GLY A 292 -2.98 1.18 2.60
CA GLY A 292 -1.88 2.05 2.20
C GLY A 292 -2.29 3.47 1.87
N TRP A 293 -1.50 4.44 2.32
CA TRP A 293 -1.75 5.84 2.06
C TRP A 293 -1.07 6.30 0.77
N THR A 294 -1.85 6.87 -0.14
CA THR A 294 -1.34 7.50 -1.35
C THR A 294 -1.58 9.00 -1.23
N ASN A 295 -0.51 9.78 -1.08
CA ASN A 295 -0.68 11.22 -0.96
C ASN A 295 -0.85 11.89 -2.32
N GLU A 296 -1.04 13.20 -2.33
CA GLU A 296 -1.30 13.93 -3.55
C GLU A 296 -0.03 14.14 -4.36
N SER A 297 -0.18 14.15 -5.68
CA SER A 297 0.92 14.49 -6.57
C SER A 297 0.72 15.91 -7.10
N SER A 298 -0.45 16.47 -6.82
CA SER A 298 -0.72 17.88 -7.10
C SER A 298 0.11 18.78 -6.18
N SER A 299 0.13 20.07 -6.50
CA SER A 299 0.83 21.05 -5.66
C SER A 299 0.09 21.22 -4.33
N VAL A 300 0.79 21.73 -3.33
CA VAL A 300 0.16 22.04 -2.05
C VAL A 300 -0.84 23.19 -2.25
N GLU A 301 -0.52 24.08 -3.20
CA GLU A 301 -1.41 25.18 -3.57
C GLU A 301 -2.80 24.67 -3.95
N ASP A 302 -2.84 23.61 -4.78
CA ASP A 302 -4.10 22.99 -5.23
C ASP A 302 -4.85 22.24 -4.13
N ASP A 303 -4.11 21.55 -3.27
CA ASP A 303 -4.74 20.86 -2.14
C ASP A 303 -5.57 21.88 -1.37
N VAL A 304 -4.93 22.99 -0.97
CA VAL A 304 -5.59 24.01 -0.19
C VAL A 304 -6.87 24.51 -0.90
N GLU A 305 -6.82 24.63 -2.22
CA GLU A 305 -7.96 25.13 -2.98
C GLU A 305 -9.10 24.12 -3.07
N LYS A 306 -8.78 22.86 -3.37
CA LYS A 306 -9.81 21.82 -3.47
C LYS A 306 -10.33 21.40 -2.09
N GLY A 307 -9.56 21.70 -1.04
CA GLY A 307 -10.02 21.52 0.34
C GLY A 307 -9.76 20.16 0.97
N TRP A 308 -8.96 19.32 0.30
CA TRP A 308 -8.63 17.99 0.80
C TRP A 308 -7.25 17.54 0.28
N SER A 309 -6.72 16.49 0.90
CA SER A 309 -5.43 15.92 0.51
C SER A 309 -5.33 14.50 1.01
N GLY A 310 -5.03 13.57 0.10
CA GLY A 310 -4.73 12.20 0.48
C GLY A 310 -5.91 11.25 0.48
N ILE A 311 -5.65 10.03 0.00
CA ILE A 311 -6.62 8.95 -0.08
C ILE A 311 -5.97 7.64 0.38
N GLN A 312 -6.76 6.61 0.64
CA GLN A 312 -6.21 5.29 0.86
C GLN A 312 -6.48 4.55 -0.43
N THR A 313 -5.57 3.66 -0.81
CA THR A 313 -5.85 2.71 -1.88
C THR A 313 -6.99 1.76 -1.45
N ILE A 314 -7.50 0.98 -2.40
CA ILE A 314 -8.38 -0.13 -2.07
C ILE A 314 -7.56 -1.13 -1.26
N PRO A 315 -8.10 -1.62 -0.12
CA PRO A 315 -7.34 -2.52 0.73
C PRO A 315 -7.07 -3.83 0.05
N ARG A 316 -5.84 -4.33 0.15
CA ARG A 316 -5.52 -5.56 -0.58
C ARG A 316 -5.31 -6.78 0.28
N LYS A 317 -5.75 -7.93 -0.27
CA LYS A 317 -5.42 -9.22 0.30
C LYS A 317 -3.95 -9.44 -0.03
N ILE A 318 -3.23 -9.99 0.94
CA ILE A 318 -1.80 -10.15 0.82
C ILE A 318 -1.39 -11.55 1.28
N TRP A 319 -0.61 -12.25 0.45
CA TRP A 319 -0.09 -13.59 0.79
C TRP A 319 1.30 -13.84 0.19
N LEU A 320 1.95 -14.95 0.55
CA LEU A 320 3.27 -15.31 0.00
C LEU A 320 3.16 -15.99 -1.37
N ASP A 321 4.00 -15.56 -2.31
CA ASP A 321 4.06 -16.19 -3.64
C ASP A 321 4.71 -17.58 -3.51
N ARG A 322 4.38 -18.51 -4.41
CA ARG A 322 4.89 -19.89 -4.35
C ARG A 322 6.42 -20.01 -4.30
N SER A 323 7.12 -19.16 -5.05
CA SER A 323 8.57 -19.11 -5.02
C SER A 323 9.09 -18.75 -3.62
N GLY A 324 8.29 -17.98 -2.88
CA GLY A 324 8.66 -17.57 -1.53
C GLY A 324 9.62 -16.40 -1.49
N LYS A 325 9.83 -15.75 -2.64
CA LYS A 325 10.74 -14.62 -2.70
C LYS A 325 10.03 -13.26 -2.58
N GLN A 326 8.71 -13.25 -2.72
CA GLN A 326 7.95 -12.01 -2.68
C GLN A 326 6.51 -12.23 -2.24
N LEU A 327 5.85 -11.12 -1.87
CA LEU A 327 4.44 -11.12 -1.51
C LEU A 327 3.57 -10.80 -2.72
N ILE A 328 2.36 -11.36 -2.72
CA ILE A 328 1.36 -11.03 -3.73
C ILE A 328 0.22 -10.23 -3.10
N GLN A 329 -0.17 -9.14 -3.77
CA GLN A 329 -1.31 -8.32 -3.36
C GLN A 329 -2.40 -8.33 -4.41
N TRP A 330 -3.64 -8.21 -3.95
CA TRP A 330 -4.80 -8.18 -4.84
C TRP A 330 -5.93 -7.48 -4.10
N PRO A 331 -6.54 -6.46 -4.74
CA PRO A 331 -7.64 -5.71 -4.15
C PRO A 331 -8.68 -6.64 -3.54
N VAL A 332 -9.12 -6.36 -2.32
CA VAL A 332 -10.13 -7.22 -1.68
C VAL A 332 -11.20 -7.54 -2.69
N ARG A 333 -11.70 -8.77 -2.67
CA ARG A 333 -12.67 -9.16 -3.68
C ARG A 333 -14.00 -8.39 -3.61
N GLU A 334 -14.30 -7.81 -2.44
CA GLU A 334 -15.51 -7.00 -2.25
C GLU A 334 -15.61 -5.82 -3.22
N VAL A 335 -14.49 -5.23 -3.63
CA VAL A 335 -14.56 -4.07 -4.53
C VAL A 335 -15.19 -4.47 -5.86
N GLU A 336 -15.28 -5.77 -6.11
CA GLU A 336 -15.81 -6.26 -7.39
C GLU A 336 -17.33 -6.10 -7.45
N ARG A 337 -17.94 -5.93 -6.28
CA ARG A 337 -19.37 -5.66 -6.16
C ARG A 337 -19.78 -4.34 -6.79
N LEU A 338 -18.85 -3.39 -6.86
CA LEU A 338 -19.10 -2.06 -7.43
C LEU A 338 -19.19 -2.11 -8.93
N ARG A 339 -18.83 -3.25 -9.51
CA ARG A 339 -18.84 -3.40 -10.97
C ARG A 339 -20.26 -3.28 -11.50
N THR A 340 -20.43 -2.59 -12.62
CA THR A 340 -21.70 -2.62 -13.34
C THR A 340 -22.01 -4.03 -13.83
N LYS A 341 -23.26 -4.27 -14.25
CA LYS A 341 -23.65 -5.59 -14.80
C LYS A 341 -23.10 -5.78 -16.21
N GLN A 342 -23.32 -4.79 -17.08
CA GLN A 342 -22.85 -4.84 -18.47
C GLN A 342 -21.33 -4.69 -18.60
N VAL A 343 -20.67 -5.82 -18.79
CA VAL A 343 -19.22 -5.86 -18.96
C VAL A 343 -18.84 -5.62 -20.42
N LYS A 344 -17.95 -4.66 -20.65
CA LYS A 344 -17.42 -4.42 -21.98
C LYS A 344 -16.23 -5.35 -22.26
N ASN A 345 -16.39 -6.21 -23.27
CA ASN A 345 -15.42 -7.27 -23.55
C ASN A 345 -14.80 -7.20 -24.95
N LEU A 346 -13.52 -7.53 -25.05
CA LEU A 346 -12.82 -7.60 -26.32
C LEU A 346 -11.89 -8.81 -26.40
N ARG A 347 -12.16 -9.69 -27.36
CA ARG A 347 -11.38 -10.92 -27.54
C ARG A 347 -10.50 -10.89 -28.77
N ASN A 348 -9.45 -11.70 -28.74
CA ASN A 348 -8.62 -11.97 -29.90
C ASN A 348 -8.48 -10.81 -30.86
N LYS A 349 -8.07 -9.66 -30.35
CA LYS A 349 -7.77 -8.51 -31.19
C LYS A 349 -6.26 -8.42 -31.36
N VAL A 350 -5.84 -7.78 -32.45
CA VAL A 350 -4.44 -7.68 -32.78
C VAL A 350 -4.04 -6.21 -32.74
N LEU A 351 -3.13 -5.88 -31.84
CA LEU A 351 -2.57 -4.53 -31.77
C LEU A 351 -1.28 -4.52 -32.58
N LYS A 352 -1.36 -4.07 -33.83
CA LYS A 352 -0.18 -3.99 -34.69
C LYS A 352 0.78 -2.91 -34.19
N SER A 353 2.02 -2.93 -34.68
CA SER A 353 2.97 -1.90 -34.32
C SER A 353 2.34 -0.51 -34.49
N GLY A 354 2.49 0.31 -33.46
CA GLY A 354 2.03 1.70 -33.49
C GLY A 354 0.52 1.89 -33.42
N SER A 355 -0.22 0.86 -33.01
CA SER A 355 -1.67 0.97 -32.97
C SER A 355 -2.26 1.20 -31.58
N ARG A 356 -3.52 1.64 -31.55
CA ARG A 356 -4.33 1.82 -30.34
C ARG A 356 -5.73 1.30 -30.58
N LEU A 357 -6.38 0.86 -29.52
CA LEU A 357 -7.72 0.31 -29.64
C LEU A 357 -8.58 0.84 -28.49
N GLU A 358 -9.48 1.80 -28.81
CA GLU A 358 -10.34 2.42 -27.78
C GLU A 358 -11.32 1.40 -27.22
N VAL A 359 -11.41 1.36 -25.89
CA VAL A 359 -12.50 0.65 -25.22
C VAL A 359 -13.68 1.63 -25.10
N TYR A 360 -14.84 1.24 -25.63
CA TYR A 360 -16.04 2.09 -25.64
C TYR A 360 -17.06 1.58 -24.64
N GLY A 361 -17.97 2.46 -24.24
CA GLY A 361 -19.15 2.09 -23.48
C GLY A 361 -18.85 1.72 -22.04
N VAL A 362 -17.96 2.48 -21.42
CA VAL A 362 -17.56 2.28 -20.03
C VAL A 362 -17.24 3.66 -19.47
N THR A 363 -17.66 3.95 -18.23
CA THR A 363 -17.29 5.20 -17.58
C THR A 363 -15.79 5.12 -17.30
N ALA A 364 -15.02 5.79 -18.15
CA ALA A 364 -13.55 5.67 -18.22
C ALA A 364 -12.74 6.28 -17.06
N ALA A 365 -13.34 7.20 -16.31
CA ALA A 365 -12.66 7.78 -15.16
C ALA A 365 -12.96 7.01 -13.86
N GLN A 366 -13.87 6.04 -13.96
CA GLN A 366 -14.27 5.26 -12.79
C GLN A 366 -14.55 3.81 -13.23
N ALA A 367 -13.48 3.06 -13.44
CA ALA A 367 -13.58 1.72 -14.05
C ALA A 367 -12.57 0.72 -13.50
N ASP A 368 -12.87 -0.55 -13.71
CA ASP A 368 -11.97 -1.62 -13.39
C ASP A 368 -11.71 -2.34 -14.69
N VAL A 369 -10.45 -2.53 -15.06
CA VAL A 369 -10.10 -3.12 -16.35
C VAL A 369 -8.97 -4.16 -16.27
N GLU A 370 -9.12 -5.26 -17.01
CA GLU A 370 -8.18 -6.39 -17.02
C GLU A 370 -7.85 -6.84 -18.44
N VAL A 371 -6.57 -6.90 -18.76
CA VAL A 371 -6.16 -7.30 -20.10
C VAL A 371 -5.32 -8.57 -20.01
N LEU A 372 -5.43 -9.43 -21.02
CA LEU A 372 -4.47 -10.51 -21.17
C LEU A 372 -3.74 -10.35 -22.49
N PHE A 373 -2.50 -9.90 -22.42
CA PHE A 373 -1.67 -9.81 -23.61
C PHE A 373 -1.00 -11.14 -23.86
N LYS A 374 -0.67 -11.40 -25.11
CA LYS A 374 0.14 -12.55 -25.48
C LYS A 374 1.15 -12.10 -26.51
N VAL A 375 2.41 -12.40 -26.26
CA VAL A 375 3.47 -12.11 -27.22
C VAL A 375 3.63 -13.27 -28.19
N ARG A 376 3.98 -12.96 -29.43
CA ARG A 376 4.07 -13.97 -30.48
C ARG A 376 5.38 -14.75 -30.47
N ASP A 377 6.50 -14.04 -30.37
CA ASP A 377 7.81 -14.65 -30.60
C ASP A 377 8.86 -13.99 -29.72
N LEU A 378 9.21 -14.68 -28.64
CA LEU A 378 10.09 -14.13 -27.60
C LEU A 378 11.50 -13.80 -28.06
N GLU A 379 11.93 -14.43 -29.15
CA GLU A 379 13.27 -14.22 -29.69
C GLU A 379 13.43 -12.85 -30.33
N LYS A 380 12.32 -12.13 -30.49
CA LYS A 380 12.35 -10.76 -31.00
C LYS A 380 12.62 -9.72 -29.90
N ALA A 381 12.72 -10.18 -28.66
CA ALA A 381 13.00 -9.31 -27.51
C ALA A 381 14.42 -8.75 -27.50
N ASP A 382 14.58 -7.45 -27.26
CA ASP A 382 15.92 -6.89 -27.09
C ASP A 382 16.57 -7.46 -25.84
N VAL A 383 17.88 -7.70 -25.91
CA VAL A 383 18.65 -8.09 -24.74
C VAL A 383 18.84 -6.84 -23.88
N ILE A 384 18.58 -6.96 -22.58
CA ILE A 384 18.73 -5.85 -21.65
C ILE A 384 20.17 -5.31 -21.58
N GLU A 385 20.33 -3.99 -21.59
CA GLU A 385 21.64 -3.37 -21.41
C GLU A 385 22.17 -3.79 -20.05
N PRO A 386 23.47 -4.12 -19.98
CA PRO A 386 24.06 -4.67 -18.76
C PRO A 386 23.86 -3.76 -17.55
N SER A 387 23.81 -2.45 -17.78
CA SER A 387 23.75 -1.48 -16.71
C SER A 387 22.33 -1.24 -16.18
N TRP A 388 21.31 -1.68 -16.93
CA TRP A 388 19.90 -1.41 -16.58
C TRP A 388 19.35 -2.27 -15.44
N THR A 389 19.50 -1.78 -14.21
CA THR A 389 19.10 -2.54 -13.03
C THR A 389 18.02 -1.88 -12.19
N ASP A 390 17.84 -0.56 -12.38
CA ASP A 390 16.79 0.18 -11.68
C ASP A 390 15.58 0.33 -12.60
N PRO A 391 14.50 -0.42 -12.32
CA PRO A 391 13.33 -0.38 -13.21
C PRO A 391 12.72 1.01 -13.37
N GLN A 392 12.75 1.82 -12.32
CA GLN A 392 12.20 3.18 -12.42
C GLN A 392 12.98 4.04 -13.43
N LEU A 393 14.31 3.95 -13.40
CA LEU A 393 15.16 4.72 -14.33
C LEU A 393 14.98 4.28 -15.78
N ILE A 394 14.75 2.99 -16.00
CA ILE A 394 14.49 2.48 -17.35
C ILE A 394 13.23 3.10 -17.94
N CYS A 395 12.12 3.02 -17.22
CA CYS A 395 10.88 3.67 -17.65
C CYS A 395 11.05 5.17 -17.86
N SER A 396 11.83 5.82 -16.99
CA SER A 396 12.14 7.25 -17.09
C SER A 396 12.83 7.65 -18.39
N LYS A 397 13.84 6.89 -18.80
CA LYS A 397 14.61 7.25 -19.98
C LYS A 397 13.87 6.89 -21.28
N MET A 398 13.22 5.73 -21.30
CA MET A 398 12.50 5.28 -22.48
C MET A 398 10.98 5.48 -22.37
N ASN A 399 10.48 6.66 -22.71
CA ASN A 399 9.03 6.90 -22.75
C ASN A 399 8.33 6.03 -23.79
N VAL A 400 7.00 6.11 -23.88
CA VAL A 400 6.24 5.27 -24.82
C VAL A 400 6.63 5.48 -26.28
N SER A 401 7.25 6.62 -26.57
CA SER A 401 7.71 6.94 -27.91
C SER A 401 8.98 6.18 -28.32
N VAL A 402 9.67 5.58 -27.34
CA VAL A 402 10.85 4.75 -27.64
C VAL A 402 10.48 3.28 -27.83
N LYS A 403 10.66 2.79 -29.05
CA LYS A 403 10.31 1.41 -29.43
C LYS A 403 11.25 0.34 -28.88
N SER A 404 10.66 -0.75 -28.40
CA SER A 404 11.41 -1.96 -28.08
C SER A 404 10.95 -3.09 -29.00
N GLY A 405 11.78 -4.13 -29.12
CA GLY A 405 11.40 -5.34 -29.83
C GLY A 405 10.00 -5.72 -29.37
N LEU A 406 9.88 -5.92 -28.05
CA LEU A 406 8.61 -6.25 -27.42
C LEU A 406 8.19 -5.16 -26.45
N GLY A 407 7.29 -4.28 -26.90
CA GLY A 407 6.81 -3.20 -26.07
C GLY A 407 7.25 -1.83 -26.53
N PRO A 408 6.62 -0.77 -25.98
CA PRO A 408 5.60 -0.82 -24.93
C PRO A 408 4.25 -1.33 -25.41
N PHE A 409 3.58 -2.13 -24.60
CA PHE A 409 2.16 -2.42 -24.81
C PHE A 409 1.44 -2.46 -23.46
N GLY A 410 0.23 -1.91 -23.43
CA GLY A 410 -0.53 -1.87 -22.20
C GLY A 410 -1.75 -1.01 -22.39
N LEU A 411 -1.94 -0.05 -21.48
CA LEU A 411 -3.14 0.78 -21.47
C LEU A 411 -2.87 2.29 -21.41
N MET A 412 -3.49 3.07 -22.28
CA MET A 412 -3.65 4.50 -22.03
C MET A 412 -4.89 4.61 -21.18
N VAL A 413 -4.75 5.18 -19.99
CA VAL A 413 -5.91 5.42 -19.11
C VAL A 413 -6.02 6.91 -18.87
N LEU A 414 -7.17 7.34 -18.36
CA LEU A 414 -7.46 8.76 -18.13
C LEU A 414 -6.91 9.62 -19.28
N ALA A 415 -7.34 9.26 -20.49
CA ALA A 415 -6.83 9.84 -21.72
C ALA A 415 -7.85 10.77 -22.36
N SER A 416 -7.34 11.82 -23.00
CA SER A 416 -8.17 12.77 -23.74
C SER A 416 -8.47 12.23 -25.14
N LYS A 417 -9.61 12.68 -25.70
CA LYS A 417 -10.09 12.20 -26.99
C LYS A 417 -8.93 12.00 -27.98
N ASN A 418 -8.12 13.05 -28.12
CA ASN A 418 -7.00 13.08 -29.08
C ASN A 418 -5.64 12.88 -28.44
N LEU A 419 -5.61 12.25 -27.27
CA LEU A 419 -4.37 11.87 -26.59
C LEU A 419 -3.41 13.02 -26.28
N GLU A 420 -3.96 14.20 -26.01
CA GLU A 420 -3.18 15.30 -25.45
C GLU A 420 -2.77 14.91 -24.02
N GLU A 421 -3.71 14.32 -23.29
CA GLU A 421 -3.45 13.76 -21.97
C GLU A 421 -3.68 12.26 -21.98
N TYR A 422 -2.74 11.52 -21.39
CA TYR A 422 -2.90 10.09 -21.12
C TYR A 422 -1.88 9.59 -20.10
N THR A 423 -2.29 8.55 -19.37
CA THR A 423 -1.41 7.84 -18.45
C THR A 423 -1.18 6.45 -19.00
N SER A 424 0.07 6.08 -19.24
CA SER A 424 0.40 4.77 -19.84
C SER A 424 0.80 3.79 -18.78
N VAL A 425 0.12 2.65 -18.76
CA VAL A 425 0.54 1.56 -17.88
C VAL A 425 0.86 0.38 -18.78
N TYR A 426 2.16 0.11 -18.92
CA TYR A 426 2.62 -0.81 -19.97
C TYR A 426 3.74 -1.77 -19.59
N PHE A 427 4.05 -2.70 -20.50
CA PHE A 427 5.13 -3.66 -20.38
C PHE A 427 6.18 -3.45 -21.45
N ARG A 428 7.40 -3.84 -21.15
CA ARG A 428 8.44 -4.15 -22.15
C ARG A 428 9.01 -5.51 -21.78
N ILE A 429 9.44 -6.29 -22.77
CA ILE A 429 10.08 -7.60 -22.50
C ILE A 429 11.54 -7.59 -22.96
N PHE A 430 12.44 -8.09 -22.12
CA PHE A 430 13.85 -8.22 -22.49
C PHE A 430 14.33 -9.67 -22.34
N LYS A 431 15.44 -9.98 -22.99
CA LYS A 431 16.14 -11.23 -22.76
C LYS A 431 17.20 -10.93 -21.70
N ALA A 432 17.30 -11.78 -20.68
CA ALA A 432 18.21 -11.57 -19.57
C ALA A 432 19.67 -11.83 -19.95
N ARG A 433 20.59 -11.13 -19.28
CA ARG A 433 22.03 -11.18 -19.60
C ARG A 433 22.77 -12.44 -19.13
N GLN A 434 22.13 -13.61 -19.17
CA GLN A 434 22.73 -14.81 -18.61
C GLN A 434 22.55 -16.05 -19.49
N ASN A 435 23.26 -17.12 -19.15
CA ASN A 435 23.33 -18.32 -19.99
C ASN A 435 22.02 -19.05 -20.24
N SER A 436 21.14 -19.03 -19.23
CA SER A 436 19.78 -19.56 -19.33
C SER A 436 18.93 -18.72 -20.29
N ASN A 437 17.76 -19.23 -20.68
CA ASN A 437 16.86 -18.44 -21.50
C ASN A 437 15.88 -17.62 -20.65
N LYS A 438 16.37 -17.03 -19.57
CA LYS A 438 15.51 -16.26 -18.67
C LYS A 438 15.06 -14.95 -19.34
N TYR A 439 13.88 -14.48 -18.98
CA TYR A 439 13.38 -13.18 -19.49
C TYR A 439 13.16 -12.15 -18.38
N VAL A 440 13.11 -10.88 -18.79
CA VAL A 440 12.88 -9.78 -17.87
C VAL A 440 11.63 -9.02 -18.31
N VAL A 441 10.62 -9.00 -17.45
CA VAL A 441 9.40 -8.23 -17.73
C VAL A 441 9.39 -6.89 -16.98
N LEU A 442 9.26 -5.82 -17.74
CA LEU A 442 9.22 -4.48 -17.18
C LEU A 442 7.79 -3.93 -17.19
N MET A 443 7.38 -3.37 -16.06
CA MET A 443 6.10 -2.71 -15.93
C MET A 443 6.36 -1.27 -15.52
N CYS A 444 5.77 -0.34 -16.27
CA CYS A 444 5.95 1.08 -16.06
C CYS A 444 4.61 1.71 -15.85
N SER A 445 4.59 2.74 -15.02
CA SER A 445 3.44 3.60 -14.94
C SER A 445 3.95 4.99 -15.33
N ASP A 446 3.61 5.43 -16.54
CA ASP A 446 4.08 6.69 -17.07
C ASP A 446 3.02 7.80 -16.98
N GLN A 447 3.34 8.82 -16.18
CA GLN A 447 2.45 9.96 -16.01
C GLN A 447 3.09 11.29 -16.40
N SER A 448 4.05 11.24 -17.32
CA SER A 448 4.66 12.44 -17.86
C SER A 448 3.66 13.24 -18.71
N ARG A 449 2.77 12.55 -19.40
CA ARG A 449 1.81 13.24 -20.28
C ARG A 449 0.39 13.10 -19.77
N SER A 450 0.27 12.84 -18.47
CA SER A 450 -1.01 12.54 -17.82
C SER A 450 -1.91 13.74 -17.59
N SER A 451 -1.30 14.93 -17.56
CA SER A 451 -2.02 16.18 -17.31
C SER A 451 -1.33 17.34 -17.97
N LEU A 452 -2.14 18.21 -18.59
CA LEU A 452 -1.60 19.41 -19.24
C LEU A 452 -1.02 20.43 -18.26
N LYS A 453 -1.48 20.42 -17.00
CA LYS A 453 -0.90 21.29 -15.96
C LYS A 453 0.46 20.78 -15.49
N GLU A 454 1.49 21.61 -15.63
CA GLU A 454 2.88 21.20 -15.34
C GLU A 454 3.17 21.06 -13.85
N ASP A 455 2.46 21.85 -13.02
CA ASP A 455 2.54 21.84 -11.54
C ASP A 455 2.50 20.49 -10.83
N ASN A 456 1.77 19.53 -11.37
CA ASN A 456 1.67 18.18 -10.79
C ASN A 456 3.00 17.43 -10.80
N ASP A 457 3.18 16.52 -9.83
CA ASP A 457 4.29 15.57 -9.80
C ASP A 457 4.10 14.48 -10.86
N LYS A 458 4.88 14.59 -11.93
CA LYS A 458 4.77 13.71 -13.09
C LYS A 458 5.80 12.57 -13.07
N THR A 459 6.37 12.29 -11.91
CA THR A 459 7.32 11.19 -11.75
C THR A 459 6.77 9.86 -12.27
N THR A 460 7.59 9.19 -13.08
CA THR A 460 7.25 7.88 -13.62
C THR A 460 7.71 6.77 -12.70
N TYR A 461 6.90 5.73 -12.58
CA TYR A 461 7.19 4.59 -11.70
C TYR A 461 7.48 3.33 -12.50
N GLY A 462 8.32 2.47 -11.93
CA GLY A 462 8.70 1.22 -12.59
C GLY A 462 8.92 0.07 -11.63
N ALA A 463 8.62 -1.13 -12.12
CA ALA A 463 8.81 -2.38 -11.38
C ALA A 463 9.13 -3.54 -12.32
N PHE A 464 9.89 -4.51 -11.81
CA PHE A 464 10.09 -5.79 -12.50
C PHE A 464 8.99 -6.75 -12.08
N VAL A 465 8.61 -7.64 -12.99
CA VAL A 465 7.55 -8.59 -12.71
C VAL A 465 8.11 -10.00 -12.87
N ASP A 466 7.97 -10.82 -11.84
CA ASP A 466 8.44 -12.19 -11.90
C ASP A 466 7.34 -13.06 -12.50
N ILE A 467 7.18 -12.95 -13.81
CA ILE A 467 6.32 -13.86 -14.55
C ILE A 467 7.01 -14.31 -15.84
N ASN A 468 6.55 -15.45 -16.37
CA ASN A 468 7.11 -16.03 -17.58
C ASN A 468 6.35 -15.57 -18.82
N PRO A 469 7.00 -14.80 -19.69
CA PRO A 469 6.28 -14.24 -20.85
C PRO A 469 5.94 -15.24 -21.96
N HIS A 470 6.31 -16.51 -21.77
CA HIS A 470 5.80 -17.60 -22.62
C HIS A 470 4.29 -17.65 -22.40
N GLN A 471 3.89 -17.54 -21.13
CA GLN A 471 2.48 -17.40 -20.73
C GLN A 471 1.93 -16.02 -21.09
N PRO A 472 0.60 -15.85 -21.08
CA PRO A 472 0.06 -14.51 -21.38
C PRO A 472 0.28 -13.50 -20.23
N LEU A 473 0.57 -12.25 -20.58
CA LEU A 473 0.87 -11.20 -19.60
C LEU A 473 -0.39 -10.52 -19.11
N SER A 474 -0.56 -10.56 -17.79
CA SER A 474 -1.78 -10.10 -17.14
C SER A 474 -1.61 -8.67 -16.60
N LEU A 475 -2.59 -7.81 -16.89
CA LEU A 475 -2.59 -6.44 -16.36
C LEU A 475 -3.98 -6.02 -15.91
N ARG A 476 -4.07 -5.53 -14.68
CA ARG A 476 -5.30 -4.94 -14.17
C ARG A 476 -5.05 -3.48 -13.77
N ALA A 477 -6.10 -2.67 -13.89
CA ALA A 477 -6.05 -1.26 -13.52
C ALA A 477 -7.40 -0.83 -12.94
N LEU A 478 -7.36 -0.29 -11.72
CA LEU A 478 -8.51 0.38 -11.11
C LEU A 478 -8.34 1.86 -11.37
N ILE A 479 -9.31 2.44 -12.07
CA ILE A 479 -9.22 3.82 -12.53
C ILE A 479 -10.24 4.63 -11.76
N ASP A 480 -9.81 5.67 -11.05
CA ASP A 480 -10.72 6.41 -10.15
C ASP A 480 -10.45 7.93 -10.06
N HIS A 481 -10.73 8.62 -11.17
CA HIS A 481 -10.58 10.07 -11.31
C HIS A 481 -9.16 10.63 -11.20
N SER A 482 -8.55 10.55 -10.03
CA SER A 482 -7.18 11.05 -9.87
C SER A 482 -6.20 10.02 -9.29
N VAL A 483 -6.62 8.76 -9.31
CA VAL A 483 -5.77 7.66 -8.87
C VAL A 483 -5.88 6.47 -9.81
N VAL A 484 -4.74 5.87 -10.14
CA VAL A 484 -4.69 4.64 -10.93
C VAL A 484 -3.94 3.64 -10.09
N GLU A 485 -4.53 2.45 -9.94
CA GLU A 485 -3.89 1.34 -9.25
C GLU A 485 -3.63 0.19 -10.23
N SER A 486 -2.37 0.03 -10.60
CA SER A 486 -1.99 -0.94 -11.62
C SER A 486 -1.39 -2.21 -11.03
N PHE A 487 -1.88 -3.36 -11.51
CA PHE A 487 -1.39 -4.67 -11.09
C PHE A 487 -0.98 -5.50 -12.32
N GLY A 488 0.32 -5.79 -12.39
CA GLY A 488 0.85 -6.67 -13.41
C GLY A 488 1.08 -8.03 -12.80
N GLY A 489 1.05 -9.07 -13.63
CA GLY A 489 1.30 -10.43 -13.17
C GLY A 489 0.38 -10.93 -12.07
N LYS A 490 -0.91 -10.60 -12.19
CA LYS A 490 -1.92 -10.97 -11.20
C LYS A 490 -1.47 -10.64 -9.77
N GLY A 491 -0.98 -9.44 -9.58
CA GLY A 491 -0.64 -8.96 -8.23
C GLY A 491 0.82 -9.06 -7.83
N ARG A 492 1.66 -9.55 -8.74
CA ARG A 492 3.09 -9.67 -8.49
C ARG A 492 3.81 -8.34 -8.52
N ALA A 493 3.27 -7.38 -9.27
CA ALA A 493 3.78 -6.03 -9.25
C ALA A 493 2.66 -5.01 -9.20
N CYS A 494 2.72 -4.14 -8.20
CA CYS A 494 1.71 -3.12 -7.98
C CYS A 494 2.32 -1.73 -8.11
N ILE A 495 1.61 -0.85 -8.81
CA ILE A 495 2.00 0.56 -8.87
C ILE A 495 0.76 1.45 -8.74
N THR A 496 0.79 2.33 -7.75
CA THR A 496 -0.20 3.37 -7.58
C THR A 496 0.39 4.71 -8.06
N SER A 497 -0.42 5.50 -8.73
CA SER A 497 -0.01 6.82 -9.18
C SER A 497 -1.16 7.80 -9.03
N ARG A 498 -0.81 9.07 -8.97
CA ARG A 498 -1.81 10.12 -8.79
C ARG A 498 -1.71 11.14 -9.90
N VAL A 499 -2.71 11.17 -10.77
CA VAL A 499 -2.72 12.10 -11.90
C VAL A 499 -3.94 13.02 -11.86
N TYR A 500 -3.80 14.22 -12.43
CA TYR A 500 -4.85 15.24 -12.33
C TYR A 500 -5.08 15.89 -13.69
N PRO A 501 -5.79 15.17 -14.58
CA PRO A 501 -5.95 15.66 -15.95
C PRO A 501 -6.80 16.93 -16.02
N LYS A 502 -6.43 17.83 -16.92
CA LYS A 502 -7.23 19.03 -17.22
C LYS A 502 -8.33 18.74 -18.25
N LEU A 503 -8.03 17.89 -19.23
CA LEU A 503 -8.98 17.52 -20.27
C LEU A 503 -9.74 16.22 -20.00
N ALA A 504 -9.00 15.13 -19.74
CA ALA A 504 -9.59 13.80 -19.49
C ALA A 504 -10.32 13.71 -18.16
N ILE A 505 -11.53 14.26 -18.12
CA ILE A 505 -12.30 14.32 -16.88
C ILE A 505 -13.73 13.80 -17.09
N GLY A 506 -14.18 12.98 -16.12
CA GLY A 506 -15.53 12.40 -16.11
C GLY A 506 -15.94 11.76 -17.43
N LYS A 507 -16.96 12.32 -18.04
CA LYS A 507 -17.47 11.84 -19.33
C LYS A 507 -16.49 12.06 -20.51
N SER A 508 -15.53 12.95 -20.33
CA SER A 508 -14.59 13.26 -21.40
C SER A 508 -13.30 12.43 -21.42
N SER A 509 -13.24 11.40 -20.57
CA SER A 509 -12.06 10.54 -20.48
C SER A 509 -12.23 9.27 -21.30
N HIS A 510 -11.13 8.80 -21.88
CA HIS A 510 -11.14 7.58 -22.67
C HIS A 510 -10.16 6.51 -22.17
N LEU A 511 -10.32 5.31 -22.70
CA LEU A 511 -9.55 4.15 -22.30
C LEU A 511 -9.03 3.46 -23.55
N PHE A 512 -7.71 3.28 -23.61
CA PHE A 512 -7.13 2.59 -24.75
C PHE A 512 -6.30 1.40 -24.31
N ALA A 513 -6.15 0.46 -25.25
CA ALA A 513 -5.08 -0.53 -25.19
C ALA A 513 -4.18 -0.19 -26.36
N PHE A 514 -2.88 -0.18 -26.14
CA PHE A 514 -1.95 0.27 -27.18
C PHE A 514 -0.75 -0.66 -27.35
N ASN A 515 0.06 -0.34 -28.35
CA ASN A 515 1.28 -1.08 -28.67
C ASN A 515 2.17 -0.28 -29.60
N TYR A 516 3.28 0.22 -29.06
CA TYR A 516 4.24 0.98 -29.85
C TYR A 516 5.56 0.22 -30.06
N GLY A 517 5.52 -1.10 -29.83
CA GLY A 517 6.66 -1.95 -30.12
C GLY A 517 6.87 -2.15 -31.62
N TYR A 518 7.96 -2.84 -31.96
CA TYR A 518 8.23 -3.21 -33.34
C TYR A 518 7.34 -4.38 -33.77
N GLN A 519 6.99 -5.23 -32.81
CA GLN A 519 6.23 -6.45 -33.06
C GLN A 519 4.80 -6.28 -32.62
N SER A 520 3.88 -6.86 -33.37
CA SER A 520 2.47 -6.79 -32.98
C SER A 520 2.21 -7.81 -31.86
N VAL A 521 1.31 -7.46 -30.95
CA VAL A 521 1.00 -8.31 -29.82
C VAL A 521 -0.50 -8.54 -29.80
N ASP A 522 -0.90 -9.69 -29.25
CA ASP A 522 -2.29 -10.08 -29.23
C ASP A 522 -2.97 -9.75 -27.90
N VAL A 523 -4.13 -9.11 -27.99
CA VAL A 523 -5.00 -8.96 -26.85
C VAL A 523 -5.90 -10.19 -26.85
N LEU A 524 -5.55 -11.17 -26.03
CA LEU A 524 -6.35 -12.38 -25.83
C LEU A 524 -7.74 -12.04 -25.35
N ASN A 525 -7.79 -11.23 -24.29
CA ASN A 525 -9.04 -10.90 -23.61
C ASN A 525 -8.90 -9.60 -22.86
N LEU A 526 -9.94 -8.77 -22.92
CA LEU A 526 -9.95 -7.52 -22.19
C LEU A 526 -11.35 -7.30 -21.67
N ASN A 527 -11.44 -7.05 -20.37
CA ASN A 527 -12.69 -6.76 -19.70
C ASN A 527 -12.62 -5.40 -19.06
N ALA A 528 -13.62 -4.58 -19.33
CA ALA A 528 -13.75 -3.28 -18.69
C ALA A 528 -15.12 -3.20 -18.05
N TRP A 529 -15.15 -2.95 -16.74
CA TRP A 529 -16.38 -2.71 -16.01
C TRP A 529 -16.43 -1.28 -15.55
N SER A 530 -17.56 -0.62 -15.80
CA SER A 530 -17.82 0.67 -15.15
C SER A 530 -17.96 0.41 -13.66
N MET A 531 -17.37 1.29 -12.86
CA MET A 531 -17.43 1.12 -11.42
C MET A 531 -18.42 2.08 -10.79
N ASN A 532 -19.36 1.53 -10.04
CA ASN A 532 -20.30 2.33 -9.27
C ASN A 532 -19.61 3.00 -8.09
N SER A 533 -20.17 4.12 -7.65
CA SER A 533 -19.62 4.83 -6.49
C SER A 533 -19.86 4.08 -5.19
N ALA A 534 -19.00 4.32 -4.21
CA ALA A 534 -19.15 3.72 -2.89
C ALA A 534 -19.79 4.72 -1.94
N GLN A 535 -20.34 4.20 -0.86
CA GLN A 535 -20.91 5.00 0.21
C GLN A 535 -19.79 5.21 1.25
N ILE A 536 -19.10 6.34 1.14
CA ILE A 536 -17.99 6.66 2.03
C ILE A 536 -18.20 8.06 2.57
N SER A 537 -17.97 8.26 3.88
CA SER A 537 -18.24 9.54 4.58
C SER A 537 -18.01 10.84 3.77
C1 NAG B . 3.73 13.24 -1.18
C2 NAG B . 4.81 12.20 -1.15
C3 NAG B . 6.12 12.86 -1.52
C4 NAG B . 5.98 13.56 -2.87
C5 NAG B . 4.77 14.50 -2.91
C6 NAG B . 4.53 15.03 -4.31
C7 NAG B . 4.64 10.32 0.45
C8 NAG B . 4.80 9.97 1.90
N2 NAG B . 4.84 11.62 0.18
O3 NAG B . 7.13 11.90 -1.64
O4 NAG B . 7.17 14.27 -3.09
O5 NAG B . 3.61 13.82 -2.47
O6 NAG B . 3.76 14.12 -5.07
O7 NAG B . 4.38 9.45 -0.39
C1 NAG B . 7.64 14.05 -4.41
C2 NAG B . 8.51 15.24 -4.78
C3 NAG B . 9.04 15.08 -6.20
C4 NAG B . 9.77 13.74 -6.37
C5 NAG B . 8.86 12.61 -5.89
C6 NAG B . 9.55 11.25 -5.94
C7 NAG B . 8.00 17.29 -3.55
C8 NAG B . 7.21 18.57 -3.50
N2 NAG B . 7.79 16.49 -4.60
O3 NAG B . 9.92 16.15 -6.35
O4 NAG B . 10.20 13.38 -7.69
O5 NAG B . 8.40 12.87 -4.56
O6 NAG B . 8.61 10.26 -5.60
O7 NAG B . 8.78 17.02 -2.63
C1 MAN B . 10.80 14.35 -8.58
C2 MAN B . 11.58 15.42 -7.83
C3 MAN B . 12.05 16.47 -8.83
C4 MAN B . 13.03 15.83 -9.81
C5 MAN B . 12.70 14.38 -10.20
C6 MAN B . 13.93 13.53 -9.95
O2 MAN B . 12.64 14.84 -7.11
O3 MAN B . 12.54 17.65 -8.18
O4 MAN B . 13.03 16.60 -11.00
O5 MAN B . 11.58 13.71 -9.59
O6 MAN B . 13.77 12.46 -10.83
C1 MAN B . 15.05 11.92 -11.16
C2 MAN B . 15.20 11.77 -12.66
C3 MAN B . 14.11 10.83 -13.20
C4 MAN B . 13.84 9.60 -12.33
C5 MAN B . 14.06 9.83 -10.83
C6 MAN B . 14.23 8.53 -10.06
O2 MAN B . 16.46 11.20 -12.95
O3 MAN B . 14.49 10.42 -14.50
O4 MAN B . 12.50 9.19 -12.50
O5 MAN B . 15.20 10.64 -10.60
O6 MAN B . 14.23 8.81 -8.67
C1 MAN B . 17.52 12.18 -13.10
C2 MAN B . 18.37 11.78 -14.31
C3 MAN B . 19.14 10.47 -14.05
C4 MAN B . 19.77 10.41 -12.64
C5 MAN B . 18.83 10.97 -11.56
C6 MAN B . 19.50 11.00 -10.19
O2 MAN B . 19.28 12.80 -14.61
O3 MAN B . 20.15 10.29 -15.02
O4 MAN B . 20.08 9.06 -12.34
O5 MAN B . 18.32 12.25 -11.94
O6 MAN B . 19.65 12.33 -9.77
C1 MAN B . 11.41 18.55 -8.01
C2 MAN B . 11.63 19.90 -8.71
C3 MAN B . 11.28 21.05 -7.78
C4 MAN B . 11.94 20.89 -6.40
C5 MAN B . 11.60 19.54 -5.75
C6 MAN B . 10.75 19.76 -4.50
O2 MAN B . 10.81 19.95 -9.86
O3 MAN B . 9.86 21.12 -7.65
O4 MAN B . 13.36 20.98 -6.51
O5 MAN B . 10.91 18.70 -6.66
O6 MAN B . 11.55 19.76 -3.34
C1 NAG C . 17.09 12.67 16.93
C2 NAG C . 18.42 13.33 16.56
C3 NAG C . 18.20 14.70 15.90
C4 NAG C . 17.14 14.69 14.80
C5 NAG C . 15.92 13.92 15.32
C6 NAG C . 14.74 13.83 14.32
C7 NAG C . 20.27 12.67 17.98
C8 NAG C . 21.34 13.16 18.93
N2 NAG C . 19.27 13.51 17.73
O3 NAG C . 19.45 15.08 15.36
O4 NAG C . 16.83 16.03 14.42
O5 NAG C . 16.29 12.62 15.77
O6 NAG C . 15.17 13.40 13.05
O7 NAG C . 20.34 11.55 17.47
C1 NAG C . 17.09 16.31 13.02
C2 NAG C . 16.37 17.60 12.57
C3 NAG C . 17.24 18.62 11.82
C4 NAG C . 18.73 18.68 12.18
C5 NAG C . 19.28 17.43 12.86
C6 NAG C . 19.58 17.76 14.33
C7 NAG C . 14.09 17.94 11.67
C8 NAG C . 13.88 18.82 10.47
N2 NAG C . 15.23 17.24 11.73
O3 NAG C . 16.69 19.92 12.03
O4 NAG C . 19.50 18.95 11.03
O5 NAG C . 18.47 16.28 12.64
O6 NAG C . 20.94 17.49 14.63
O7 NAG C . 13.21 17.86 12.53
C1 GLC D . 4.87 11.41 8.97
C2 GLC D . 6.08 11.70 8.08
C3 GLC D . 7.30 12.09 8.93
C4 GLC D . 6.93 13.21 9.89
C5 GLC D . 5.70 12.83 10.69
C6 GLC D . 5.31 13.91 11.68
O2 GLC D . 6.38 10.55 7.32
O3 GLC D . 8.41 12.44 8.12
O4 GLC D . 7.98 13.48 10.80
O5 GLC D . 4.61 12.52 9.82
O6 GLC D . 5.58 15.19 11.15
C1 FRU D . 3.97 8.34 8.74
C2 FRU D . 4.03 9.31 9.92
C3 FRU D . 4.24 8.53 11.19
C4 FRU D . 3.60 9.40 12.24
C5 FRU D . 2.44 10.01 11.46
C6 FRU D . 2.11 11.45 11.87
O1 FRU D . 3.17 8.92 7.73
O2 FRU D . 5.10 10.23 9.76
O3 FRU D . 5.59 8.35 11.48
O4 FRU D . 3.19 8.59 13.31
O5 FRU D . 2.79 9.98 10.10
O6 FRU D . 0.97 11.87 11.15
C1 NAG E . -22.94 0.66 25.88
C2 NAG E . -23.87 1.61 26.62
C3 NAG E . -25.36 1.26 26.44
C4 NAG E . -25.73 0.82 25.02
C5 NAG E . -24.71 -0.18 24.43
C6 NAG E . -24.17 0.30 23.09
C7 NAG E . -23.28 2.75 28.68
C8 NAG E . -24.22 3.10 29.80
N2 NAG E . -23.52 1.61 28.02
O3 NAG E . -26.12 2.40 26.77
O4 NAG E . -27.00 0.23 25.00
O5 NAG E . -23.65 -0.46 25.35
O6 NAG E . -25.02 -0.11 22.06
O7 NAG E . -22.34 3.49 28.41
ZN ZN F . 11.02 -20.06 -25.61
ZN ZN G . 17.69 -5.63 7.10
ZN ZN H . 12.59 6.93 -4.61
ZN ZN I . -22.94 1.12 6.38
#